data_3I9L
#
_entry.id   3I9L
#
_cell.length_a   69.627
_cell.length_b   58.303
_cell.length_c   71.651
_cell.angle_alpha   90.00
_cell.angle_beta   101.37
_cell.angle_gamma   90.00
#
_symmetry.space_group_name_H-M   'P 1 21 1'
#
loop_
_entity.id
_entity.type
_entity.pdbx_description
1 polymer 'ADP-ribosyl cyclase'
2 non-polymer "N1-CYCLIC INOSINE 5'-DIPHOSPHORIBOSE"
3 water water
#
_entity_poly.entity_id   1
_entity_poly.type   'polypeptide(L)'
_entity_poly.pdbx_seq_one_letter_code
;IVPTRELENVFLGRCKDYEITRYLDILPRVRSDCSALWKDFFKAFSFKNPCDLDLGSYKDFFTSAQQQLPKNKVMFWSGV
YDEAHDYANTGRKYITLEDTLPGYMLNSLVWCGQRANPGFNEKVCPDFKTCPVQARESFWGMASSSYAHSAEGEVTYMVD
GSNPKVPAYRPDSFFGKYGLPNLTNKVTRVKVIVLHRLGEKIIEKCGAGSLLDLEKLVKAKHFAFDCVENPRAVLFLLCS
DNPNARECRLAKRFYRIA
;
_entity_poly.pdbx_strand_id   A,B
#
# COMPACT_ATOMS: atom_id res chain seq x y z
N ILE A 1 12.83 4.80 23.13
CA ILE A 1 11.90 4.90 21.95
C ILE A 1 10.45 4.76 22.43
N VAL A 2 9.52 5.51 21.85
CA VAL A 2 8.14 5.46 22.34
C VAL A 2 7.39 4.28 21.69
N PRO A 3 6.76 3.40 22.49
CA PRO A 3 6.14 2.24 21.88
C PRO A 3 4.82 2.60 21.20
N THR A 4 4.39 1.74 20.32
CA THR A 4 3.08 1.87 19.65
C THR A 4 1.96 1.83 20.68
N ARG A 5 1.05 2.80 20.62
CA ARG A 5 -0.11 2.84 21.52
C ARG A 5 -1.11 1.73 21.19
N GLU A 6 -1.83 1.22 22.20
CA GLU A 6 -2.88 0.22 21.92
C GLU A 6 -2.40 -0.92 21.06
N LEU A 7 -1.24 -1.47 21.43
CA LEU A 7 -0.60 -2.53 20.69
C LEU A 7 -1.56 -3.66 20.36
N GLU A 8 -2.29 -4.19 21.36
CA GLU A 8 -3.17 -5.33 21.12
C GLU A 8 -4.23 -4.94 20.09
N ASN A 9 -4.83 -3.76 20.24
CA ASN A 9 -5.87 -3.36 19.31
C ASN A 9 -5.31 -3.19 17.88
N VAL A 10 -4.09 -2.66 17.75
CA VAL A 10 -3.53 -2.43 16.39
C VAL A 10 -3.19 -3.79 15.77
N PHE A 11 -2.56 -4.67 16.56
CA PHE A 11 -2.25 -6.05 16.12
C PHE A 11 -3.50 -6.73 15.64
N LEU A 12 -4.54 -6.68 16.47
CA LEU A 12 -5.76 -7.45 16.16
C LEU A 12 -6.49 -6.83 14.97
N GLY A 13 -6.46 -5.49 14.88
CA GLY A 13 -7.11 -4.78 13.75
C GLY A 13 -6.42 -5.10 12.45
N ARG A 14 -5.09 -5.02 12.44
CA ARG A 14 -4.33 -5.36 11.21
C ARG A 14 -4.58 -6.81 10.86
N CYS A 15 -4.61 -7.65 11.89
CA CYS A 15 -4.75 -9.07 11.66
C CYS A 15 -6.11 -9.33 10.97
N LYS A 16 -7.15 -8.69 11.46
CA LYS A 16 -8.51 -8.93 10.89
C LYS A 16 -8.64 -8.37 9.50
N ASP A 17 -8.16 -7.15 9.32
CA ASP A 17 -8.10 -6.51 8.01
C ASP A 17 -7.40 -7.45 7.03
N TYR A 18 -6.25 -7.98 7.43
CA TYR A 18 -5.47 -8.79 6.48
C TYR A 18 -6.30 -10.05 6.16
N GLU A 19 -6.76 -10.71 7.22
CA GLU A 19 -7.49 -11.99 7.08
C GLU A 19 -8.58 -11.91 6.03
N ILE A 20 -9.45 -10.92 6.20
CA ILE A 20 -10.64 -10.80 5.35
C ILE A 20 -10.38 -10.12 4.01
N THR A 21 -9.45 -9.18 3.96
CA THR A 21 -9.35 -8.35 2.75
C THR A 21 -8.01 -8.21 2.03
N ARG A 22 -6.88 -8.63 2.63
CA ARG A 22 -5.57 -8.32 2.04
C ARG A 22 -4.87 -9.53 1.43
N TYR A 23 -4.33 -9.34 0.23
CA TYR A 23 -3.56 -10.34 -0.50
C TYR A 23 -4.34 -11.62 -0.80
N LEU A 24 -5.65 -11.49 -0.95
CA LEU A 24 -6.51 -12.65 -1.11
C LEU A 24 -6.08 -13.53 -2.26
N ASP A 25 -5.63 -12.93 -3.34
CA ASP A 25 -5.33 -13.78 -4.53
C ASP A 25 -3.84 -14.01 -4.63
N ILE A 26 -3.12 -13.64 -3.58
CA ILE A 26 -1.67 -13.59 -3.65
C ILE A 26 -1.08 -14.55 -2.61
N LEU A 27 -1.62 -14.51 -1.39
CA LEU A 27 -1.10 -15.35 -0.29
C LEU A 27 -2.22 -16.04 0.42
N PRO A 28 -1.95 -17.25 0.97
CA PRO A 28 -3.02 -17.98 1.62
C PRO A 28 -3.37 -17.44 2.98
N ARG A 29 -4.52 -17.87 3.50
CA ARG A 29 -4.92 -17.48 4.82
C ARG A 29 -4.23 -18.42 5.78
N VAL A 30 -4.05 -17.97 7.00
CA VAL A 30 -3.46 -18.76 8.08
C VAL A 30 -4.58 -19.50 8.83
N ARG A 31 -4.29 -20.66 9.43
CA ARG A 31 -5.31 -21.36 10.21
C ARG A 31 -5.65 -20.71 11.54
N SER A 32 -4.66 -20.14 12.22
CA SER A 32 -4.88 -19.60 13.56
C SER A 32 -5.74 -18.35 13.52
N ASP A 33 -6.60 -18.20 14.51
CA ASP A 33 -7.43 -17.01 14.59
C ASP A 33 -6.59 -15.86 15.13
N CYS A 34 -7.01 -14.63 14.90
CA CYS A 34 -6.17 -13.51 15.33
C CYS A 34 -5.87 -13.54 16.83
N SER A 35 -6.85 -13.95 17.62
CA SER A 35 -6.68 -13.96 19.07
C SER A 35 -5.59 -14.95 19.44
N ALA A 36 -5.53 -16.10 18.76
CA ALA A 36 -4.50 -17.11 18.99
C ALA A 36 -3.12 -16.57 18.63
N LEU A 37 -3.06 -15.84 17.51
CA LEU A 37 -1.80 -15.26 17.08
C LEU A 37 -1.32 -14.26 18.12
N TRP A 38 -2.26 -13.43 18.62
CA TRP A 38 -1.90 -12.46 19.63
C TRP A 38 -1.32 -13.14 20.86
N LYS A 39 -1.91 -14.25 21.27
CA LYS A 39 -1.39 -14.93 22.46
C LYS A 39 0.06 -15.38 22.28
N ASP A 40 0.34 -16.01 21.12
CA ASP A 40 1.68 -16.46 20.78
C ASP A 40 2.66 -15.29 20.71
N PHE A 41 2.23 -14.19 20.10
CA PHE A 41 3.08 -13.05 19.96
C PHE A 41 3.42 -12.49 21.36
N PHE A 42 2.38 -12.25 22.15
CA PHE A 42 2.54 -11.59 23.44
C PHE A 42 3.42 -12.43 24.39
N LYS A 43 3.29 -13.74 24.35
CA LYS A 43 4.07 -14.61 25.25
C LYS A 43 5.58 -14.58 24.96
N ALA A 44 5.95 -14.18 23.74
CA ALA A 44 7.34 -14.15 23.39
C ALA A 44 8.15 -13.14 24.20
N PHE A 45 7.55 -11.98 24.52
CA PHE A 45 8.32 -10.88 25.11
C PHE A 45 7.80 -10.44 26.46
N SER A 46 6.57 -10.82 26.78
CA SER A 46 5.92 -10.23 27.95
C SER A 46 6.48 -10.76 29.29
N PHE A 47 6.37 -9.95 30.34
CA PHE A 47 6.90 -10.31 31.68
C PHE A 47 8.37 -10.68 31.71
N LYS A 48 9.13 -10.05 30.82
CA LYS A 48 10.56 -10.18 30.78
C LYS A 48 11.12 -8.77 30.66
N ASN A 49 12.37 -8.60 31.06
CA ASN A 49 13.06 -7.36 30.80
C ASN A 49 13.06 -7.14 29.29
N PRO A 50 13.04 -5.86 28.88
CA PRO A 50 12.84 -5.56 27.46
C PRO A 50 13.94 -6.10 26.57
N CYS A 51 15.09 -6.45 27.14
CA CYS A 51 16.17 -6.98 26.33
C CYS A 51 16.28 -8.46 26.47
N ASP A 52 15.32 -9.07 27.18
CA ASP A 52 15.46 -10.50 27.49
C ASP A 52 14.88 -11.39 26.38
N LEU A 53 15.52 -11.37 25.22
CA LEU A 53 15.01 -12.04 24.04
C LEU A 53 16.14 -12.68 23.27
N ASP A 54 15.81 -13.72 22.52
CA ASP A 54 16.79 -14.31 21.61
C ASP A 54 16.09 -14.86 20.38
N LEU A 55 16.83 -15.54 19.51
CA LEU A 55 16.23 -15.81 18.18
C LEU A 55 15.10 -16.84 18.31
N GLY A 56 15.07 -17.55 19.42
CA GLY A 56 13.99 -18.50 19.65
C GLY A 56 12.71 -17.92 20.28
N SER A 57 12.77 -16.66 20.72
CA SER A 57 11.65 -16.16 21.52
C SER A 57 10.32 -16.24 20.80
N TYR A 58 10.29 -15.88 19.51
CA TYR A 58 9.01 -15.78 18.80
C TYR A 58 8.75 -17.05 17.97
N LYS A 59 9.46 -18.14 18.28
CA LYS A 59 9.34 -19.33 17.43
C LYS A 59 7.88 -19.78 17.24
N ASP A 60 7.13 -19.89 18.33
CA ASP A 60 5.70 -20.30 18.26
C ASP A 60 4.83 -19.35 17.45
N PHE A 61 5.00 -18.07 17.68
CA PHE A 61 4.33 -17.06 16.86
C PHE A 61 4.62 -17.31 15.37
N PHE A 62 5.88 -17.49 15.01
CA PHE A 62 6.13 -17.62 13.58
C PHE A 62 5.64 -18.93 13.02
N THR A 63 5.66 -19.96 13.85
CA THR A 63 5.06 -21.19 13.43
C THR A 63 3.59 -21.03 13.08
N SER A 64 2.84 -20.34 13.94
CA SER A 64 1.41 -20.16 13.71
C SER A 64 1.15 -19.22 12.53
N ALA A 65 2.03 -18.23 12.39
CA ALA A 65 1.76 -17.13 11.46
C ALA A 65 2.29 -17.39 10.07
N GLN A 66 3.10 -18.42 9.89
CA GLN A 66 3.79 -18.58 8.61
C GLN A 66 2.85 -19.09 7.50
N GLN A 67 2.81 -18.36 6.38
CA GLN A 67 2.07 -18.79 5.20
C GLN A 67 2.96 -19.53 4.20
N GLN A 68 2.38 -20.46 3.43
CA GLN A 68 3.02 -20.97 2.21
C GLN A 68 3.22 -19.79 1.23
N LEU A 69 4.41 -19.69 0.64
CA LEU A 69 4.73 -18.56 -0.19
C LEU A 69 4.72 -18.96 -1.68
N PRO A 70 4.21 -18.08 -2.52
CA PRO A 70 4.10 -18.40 -3.96
C PRO A 70 5.44 -18.68 -4.60
N LYS A 71 5.54 -19.82 -5.27
CA LYS A 71 6.75 -20.15 -5.99
C LYS A 71 7.24 -19.04 -6.93
N ASN A 72 8.56 -18.85 -6.94
CA ASN A 72 9.26 -17.89 -7.82
C ASN A 72 9.03 -16.42 -7.54
N LYS A 73 8.28 -16.10 -6.49
CA LYS A 73 7.88 -14.71 -6.29
C LYS A 73 8.49 -14.12 -5.03
N VAL A 74 9.27 -14.90 -4.29
CA VAL A 74 9.78 -14.36 -3.04
C VAL A 74 10.93 -13.40 -3.30
N MET A 75 10.86 -12.22 -2.69
CA MET A 75 11.93 -11.24 -2.78
C MET A 75 12.55 -10.94 -1.42
N PHE A 76 13.86 -10.77 -1.43
CA PHE A 76 14.66 -10.33 -0.27
C PHE A 76 15.33 -9.03 -0.67
N TRP A 77 15.78 -8.24 0.32
CA TRP A 77 16.47 -7.00 -0.05
C TRP A 77 17.48 -6.64 1.04
N SER A 78 18.50 -5.82 0.70
CA SER A 78 19.40 -5.28 1.70
C SER A 78 19.67 -3.83 1.32
N GLY A 79 19.41 -2.90 2.22
CA GLY A 79 19.79 -1.50 1.94
C GLY A 79 18.91 -0.69 0.99
N VAL A 80 17.88 -1.30 0.42
CA VAL A 80 17.08 -0.63 -0.59
C VAL A 80 15.61 -0.85 -0.32
N TYR A 81 15.21 -0.59 0.92
CA TYR A 81 13.84 -0.92 1.30
C TYR A 81 12.78 -0.32 0.38
N ASP A 82 12.90 0.96 0.09
CA ASP A 82 11.83 1.60 -0.64
C ASP A 82 11.76 1.14 -2.08
N GLU A 83 12.92 1.02 -2.72
CA GLU A 83 12.95 0.56 -4.11
C GLU A 83 12.49 -0.88 -4.23
N ALA A 84 12.88 -1.71 -3.28
CA ALA A 84 12.53 -3.12 -3.38
C ALA A 84 11.02 -3.24 -3.21
N HIS A 85 10.46 -2.52 -2.26
CA HIS A 85 9.01 -2.62 -2.07
C HIS A 85 8.22 -2.03 -3.18
N ASP A 86 8.74 -0.94 -3.71
CA ASP A 86 8.06 -0.32 -4.83
C ASP A 86 8.04 -1.25 -6.04
N TYR A 87 9.16 -1.91 -6.31
CA TYR A 87 9.26 -2.83 -7.44
C TYR A 87 8.40 -4.08 -7.24
N ALA A 88 8.36 -4.57 -6.00
CA ALA A 88 7.56 -5.75 -5.73
C ALA A 88 6.10 -5.45 -5.94
N ASN A 89 5.71 -4.21 -5.64
CA ASN A 89 4.39 -3.73 -6.02
C ASN A 89 3.30 -4.44 -5.21
N THR A 90 3.44 -4.39 -3.89
CA THR A 90 2.42 -4.91 -2.98
C THR A 90 1.94 -6.29 -3.42
N GLY A 91 2.90 -7.13 -3.75
CA GLY A 91 2.55 -8.53 -3.94
C GLY A 91 2.27 -8.90 -5.37
N ARG A 92 2.07 -7.89 -6.21
CA ARG A 92 1.73 -8.16 -7.58
C ARG A 92 2.85 -8.70 -8.41
N LYS A 93 4.08 -8.23 -8.18
CA LYS A 93 5.20 -8.76 -8.97
C LYS A 93 6.04 -9.66 -8.10
N TYR A 94 6.38 -9.20 -6.91
CA TYR A 94 6.98 -10.11 -5.93
C TYR A 94 6.33 -9.95 -4.57
N ILE A 95 6.56 -10.95 -3.73
CA ILE A 95 6.22 -10.93 -2.29
C ILE A 95 7.44 -10.37 -1.53
N THR A 96 7.19 -9.48 -0.55
CA THR A 96 8.22 -9.19 0.48
C THR A 96 7.66 -9.64 1.83
N LEU A 97 8.53 -9.68 2.82
CA LEU A 97 8.10 -10.07 4.14
C LEU A 97 6.96 -9.20 4.67
N GLU A 98 6.96 -7.93 4.33
CA GLU A 98 5.94 -6.99 4.75
C GLU A 98 4.56 -7.24 4.14
N ASP A 99 4.50 -8.07 3.10
CA ASP A 99 3.19 -8.46 2.54
C ASP A 99 2.62 -9.72 3.21
N THR A 100 3.46 -10.41 3.97
CA THR A 100 3.02 -11.62 4.66
C THR A 100 2.29 -11.22 5.93
N LEU A 101 1.51 -12.13 6.49
CA LEU A 101 0.73 -11.78 7.66
C LEU A 101 1.53 -11.18 8.84
N PRO A 102 2.61 -11.86 9.31
CA PRO A 102 3.31 -11.34 10.49
C PRO A 102 4.02 -10.07 10.11
N GLY A 103 4.51 -10.01 8.88
CA GLY A 103 5.15 -8.78 8.40
C GLY A 103 4.20 -7.58 8.40
N TYR A 104 3.01 -7.78 7.83
CA TYR A 104 2.01 -6.76 7.74
C TYR A 104 1.56 -6.33 9.13
N MET A 105 1.38 -7.31 10.02
CA MET A 105 0.86 -6.99 11.36
C MET A 105 1.85 -6.13 12.15
N LEU A 106 3.15 -6.43 12.09
CA LEU A 106 4.10 -5.72 12.97
C LEU A 106 4.93 -4.67 12.26
N ASN A 107 4.70 -4.50 10.94
CA ASN A 107 5.43 -3.45 10.19
C ASN A 107 5.41 -2.09 10.89
N SER A 108 6.61 -1.53 11.15
CA SER A 108 6.77 -0.23 11.78
C SER A 108 6.31 -0.08 13.24
N LEU A 109 5.95 -1.16 13.90
CA LEU A 109 5.47 -1.02 15.27
C LEU A 109 6.66 -1.10 16.23
N VAL A 110 6.44 -0.64 17.45
CA VAL A 110 7.53 -0.65 18.47
C VAL A 110 6.87 -1.21 19.71
N TRP A 111 7.49 -2.22 20.32
CA TRP A 111 6.92 -2.77 21.58
C TRP A 111 8.05 -3.34 22.40
N CYS A 112 7.80 -3.57 23.68
CA CYS A 112 8.81 -4.22 24.52
C CYS A 112 8.14 -4.77 25.77
N GLY A 113 8.77 -5.82 26.27
CA GLY A 113 8.34 -6.37 27.56
C GLY A 113 8.79 -5.58 28.77
N GLN A 114 8.11 -5.83 29.89
CA GLN A 114 8.62 -5.46 31.20
C GLN A 114 8.22 -6.58 32.16
N ARG A 115 8.79 -6.58 33.36
CA ARG A 115 8.50 -7.64 34.33
C ARG A 115 7.17 -7.41 35.06
N ALA A 116 6.86 -6.16 35.36
CA ALA A 116 5.68 -5.85 36.15
C ALA A 116 4.44 -5.87 35.30
N ASN A 117 3.27 -6.05 35.93
CA ASN A 117 2.02 -5.89 35.19
C ASN A 117 2.03 -4.56 34.44
N PRO A 118 1.54 -4.53 33.20
CA PRO A 118 0.82 -5.60 32.56
C PRO A 118 1.69 -6.48 31.67
N GLY A 119 2.99 -6.44 31.89
CA GLY A 119 3.92 -7.34 31.21
C GLY A 119 4.56 -6.75 29.95
N PHE A 120 4.15 -5.54 29.58
CA PHE A 120 4.78 -4.84 28.47
C PHE A 120 4.77 -3.38 28.83
N ASN A 121 5.69 -2.63 28.23
CA ASN A 121 5.85 -1.24 28.61
C ASN A 121 5.10 -0.35 27.65
N GLU A 122 4.13 0.38 28.16
CA GLU A 122 3.32 1.22 27.28
C GLU A 122 3.87 2.64 27.26
N LYS A 123 4.98 2.86 27.95
CA LYS A 123 5.46 4.24 28.05
C LYS A 123 6.73 4.43 27.26
N VAL A 124 7.60 3.44 27.35
CA VAL A 124 8.96 3.65 26.93
C VAL A 124 9.65 2.30 26.68
N CYS A 125 10.42 2.23 25.59
CA CYS A 125 11.26 1.07 25.29
C CYS A 125 12.71 1.45 25.12
N PRO A 126 13.63 0.51 25.40
CA PRO A 126 15.05 0.86 25.31
C PRO A 126 15.41 1.12 23.87
N ASP A 127 16.32 2.06 23.63
CA ASP A 127 16.85 2.23 22.28
C ASP A 127 17.35 0.86 21.83
N PHE A 128 17.31 0.55 20.53
CA PHE A 128 17.60 -0.83 20.09
C PHE A 128 19.06 -1.23 20.26
N LYS A 129 19.93 -0.25 20.41
CA LYS A 129 21.33 -0.58 20.47
C LYS A 129 21.73 -0.92 21.88
N THR A 130 20.87 -0.62 22.84
CA THR A 130 21.20 -0.98 24.21
C THR A 130 21.07 -2.48 24.50
N CYS A 131 20.31 -3.23 23.70
CA CYS A 131 20.21 -4.68 23.96
C CYS A 131 21.25 -5.45 23.13
N PRO A 132 21.49 -6.71 23.47
CA PRO A 132 22.39 -7.60 22.73
C PRO A 132 21.85 -7.90 21.35
N VAL A 133 22.73 -8.14 20.39
CA VAL A 133 22.29 -8.37 19.02
C VAL A 133 21.17 -9.42 18.90
N GLN A 134 21.31 -10.55 19.59
CA GLN A 134 20.26 -11.57 19.49
C GLN A 134 18.90 -11.13 20.04
N ALA A 135 18.88 -10.18 20.96
CA ALA A 135 17.63 -9.59 21.43
C ALA A 135 17.11 -8.55 20.40
N ARG A 136 18.01 -7.70 19.90
CA ARG A 136 17.62 -6.67 18.95
C ARG A 136 17.02 -7.31 17.71
N GLU A 137 17.59 -8.45 17.33
CA GLU A 137 17.19 -9.09 16.09
C GLU A 137 16.15 -10.22 16.30
N SER A 138 15.68 -10.42 17.53
CA SER A 138 14.86 -11.60 17.82
C SER A 138 13.60 -11.70 16.96
N PHE A 139 12.89 -10.58 16.81
CA PHE A 139 11.63 -10.63 16.07
C PHE A 139 11.86 -10.68 14.56
N TRP A 140 12.49 -9.63 14.01
CA TRP A 140 12.62 -9.58 12.58
C TRP A 140 13.62 -10.61 12.06
N GLY A 141 14.58 -11.01 12.90
CA GLY A 141 15.46 -12.09 12.48
C GLY A 141 14.73 -13.41 12.38
N MET A 142 13.89 -13.75 13.36
CA MET A 142 13.12 -15.01 13.24
C MET A 142 12.12 -14.86 12.08
N ALA A 143 11.56 -13.67 11.93
CA ALA A 143 10.60 -13.44 10.84
C ALA A 143 11.27 -13.76 9.50
N SER A 144 12.46 -13.21 9.31
CA SER A 144 13.25 -13.38 8.09
C SER A 144 13.64 -14.84 7.91
N SER A 145 14.02 -15.54 8.99
CA SER A 145 14.38 -16.95 8.87
C SER A 145 13.21 -17.83 8.46
N SER A 146 12.06 -17.60 9.09
CA SER A 146 10.88 -18.38 8.81
C SER A 146 10.42 -18.16 7.34
N TYR A 147 10.42 -16.90 6.91
CA TYR A 147 10.12 -16.52 5.55
C TYR A 147 11.08 -17.20 4.56
N ALA A 148 12.39 -17.04 4.78
CA ALA A 148 13.36 -17.69 3.88
C ALA A 148 13.15 -19.20 3.77
N HIS A 149 12.89 -19.84 4.90
CA HIS A 149 12.71 -21.31 4.94
C HIS A 149 11.47 -21.73 4.12
N SER A 150 10.53 -20.80 3.94
CA SER A 150 9.32 -21.03 3.18
C SER A 150 9.44 -20.74 1.67
N ALA A 151 10.54 -20.13 1.26
CA ALA A 151 10.67 -19.77 -0.15
C ALA A 151 10.87 -21.00 -1.06
N GLU A 152 10.27 -20.94 -2.25
CA GLU A 152 10.35 -22.03 -3.24
C GLU A 152 10.55 -21.46 -4.64
N GLY A 153 11.32 -22.15 -5.48
CA GLY A 153 11.57 -21.70 -6.84
C GLY A 153 12.65 -20.64 -6.87
N GLU A 154 12.53 -19.72 -7.80
CA GLU A 154 13.51 -18.66 -7.92
C GLU A 154 13.22 -17.63 -6.86
N VAL A 155 14.28 -17.14 -6.21
CA VAL A 155 14.16 -16.03 -5.26
C VAL A 155 14.94 -14.87 -5.83
N THR A 156 14.53 -13.65 -5.45
CA THR A 156 15.15 -12.47 -5.97
C THR A 156 15.68 -11.68 -4.79
N TYR A 157 16.84 -11.07 -4.98
CA TYR A 157 17.48 -10.34 -3.90
C TYR A 157 17.94 -9.00 -4.46
N MET A 158 17.38 -7.90 -3.92
CA MET A 158 17.75 -6.60 -4.44
C MET A 158 18.70 -5.97 -3.43
N VAL A 159 19.82 -5.48 -3.96
CA VAL A 159 20.91 -4.89 -3.14
C VAL A 159 21.27 -3.47 -3.63
N ASP A 160 21.94 -2.71 -2.75
CA ASP A 160 22.43 -1.36 -3.06
C ASP A 160 23.82 -1.48 -3.63
N GLY A 161 23.98 -1.10 -4.90
CA GLY A 161 25.29 -1.17 -5.51
C GLY A 161 25.98 0.19 -5.60
N SER A 162 25.48 1.17 -4.83
CA SER A 162 26.07 2.51 -4.88
C SER A 162 26.35 3.10 -3.51
N ASN A 163 26.56 2.24 -2.53
CA ASN A 163 26.88 2.66 -1.16
C ASN A 163 28.36 2.41 -0.87
N PRO A 164 29.16 3.46 -0.90
CA PRO A 164 30.61 3.35 -0.68
C PRO A 164 30.93 2.88 0.74
N LYS A 165 29.94 2.89 1.63
CA LYS A 165 30.21 2.52 3.02
C LYS A 165 29.75 1.11 3.40
N VAL A 166 28.87 0.47 2.64
CA VAL A 166 28.33 -0.83 3.05
C VAL A 166 28.32 -1.75 1.83
N PRO A 167 29.00 -2.90 1.90
CA PRO A 167 29.01 -3.77 0.71
C PRO A 167 27.62 -4.17 0.30
N ALA A 168 27.43 -4.41 -0.99
CA ALA A 168 26.16 -4.81 -1.50
C ALA A 168 25.69 -6.09 -0.80
N TYR A 169 26.59 -7.05 -0.64
CA TYR A 169 26.29 -8.23 0.15
C TYR A 169 27.26 -8.29 1.33
N ARG A 170 26.69 -8.46 2.53
CA ARG A 170 27.47 -8.66 3.78
C ARG A 170 27.03 -9.91 4.51
N PRO A 171 27.97 -10.72 4.99
CA PRO A 171 27.61 -11.89 5.78
C PRO A 171 26.78 -11.52 6.99
N ASP A 172 26.96 -10.33 7.54
CA ASP A 172 26.27 -10.05 8.78
C ASP A 172 25.02 -9.19 8.61
N SER A 173 24.54 -9.04 7.38
CA SER A 173 23.25 -8.39 7.16
C SER A 173 22.14 -9.37 7.51
N PHE A 174 20.89 -8.93 7.51
CA PHE A 174 19.80 -9.88 7.75
C PHE A 174 19.76 -10.91 6.65
N PHE A 175 20.03 -10.53 5.41
CA PHE A 175 20.01 -11.56 4.38
C PHE A 175 21.14 -12.57 4.60
N GLY A 176 22.30 -12.07 4.98
CA GLY A 176 23.47 -12.94 5.11
C GLY A 176 23.31 -13.85 6.32
N LYS A 177 22.67 -13.35 7.38
CA LYS A 177 22.52 -14.15 8.62
C LYS A 177 21.27 -15.02 8.59
N TYR A 178 20.17 -14.49 8.07
CA TYR A 178 18.86 -15.15 8.26
C TYR A 178 18.24 -15.58 6.96
N GLY A 179 18.68 -14.97 5.85
CA GLY A 179 18.10 -15.27 4.54
C GLY A 179 18.80 -16.41 3.86
N LEU A 180 19.97 -16.13 3.29
CA LEU A 180 20.67 -17.14 2.48
C LEU A 180 20.89 -18.49 3.24
N PRO A 181 21.27 -18.44 4.53
CA PRO A 181 21.53 -19.72 5.21
C PRO A 181 20.27 -20.55 5.38
N ASN A 182 19.12 -19.95 5.19
CA ASN A 182 17.85 -20.62 5.47
C ASN A 182 17.09 -21.03 4.22
N LEU A 183 17.66 -20.74 3.06
CA LEU A 183 17.04 -21.17 1.81
C LEU A 183 17.16 -22.70 1.72
N THR A 184 16.07 -23.39 1.45
CA THR A 184 16.09 -24.86 1.38
C THR A 184 16.34 -25.33 -0.04
N ASN A 185 16.43 -26.63 -0.20
CA ASN A 185 16.59 -27.15 -1.55
C ASN A 185 15.34 -27.00 -2.42
N LYS A 186 14.26 -26.43 -1.90
CA LYS A 186 13.13 -26.06 -2.77
C LYS A 186 13.46 -24.84 -3.62
N VAL A 187 14.46 -24.07 -3.19
CA VAL A 187 14.92 -22.93 -3.98
C VAL A 187 15.84 -23.45 -5.08
N THR A 188 15.67 -22.88 -6.27
CA THR A 188 16.40 -23.28 -7.49
C THR A 188 17.44 -22.25 -7.99
N ARG A 189 17.23 -20.97 -7.68
CA ARG A 189 18.05 -19.93 -8.27
C ARG A 189 17.92 -18.74 -7.32
N VAL A 190 19.01 -17.99 -7.17
CA VAL A 190 18.97 -16.65 -6.57
C VAL A 190 19.27 -15.66 -7.70
N LYS A 191 18.35 -14.73 -7.91
CA LYS A 191 18.45 -13.71 -8.93
C LYS A 191 18.75 -12.38 -8.25
N VAL A 192 19.93 -11.82 -8.48
CA VAL A 192 20.29 -10.59 -7.77
C VAL A 192 20.00 -9.39 -8.66
N ILE A 193 19.42 -8.35 -8.08
CA ILE A 193 19.24 -7.11 -8.79
C ILE A 193 20.05 -6.05 -8.06
N VAL A 194 21.03 -5.49 -8.75
CA VAL A 194 21.86 -4.44 -8.18
C VAL A 194 21.30 -3.08 -8.53
N LEU A 195 20.88 -2.35 -7.51
CA LEU A 195 20.30 -1.00 -7.67
C LEU A 195 21.40 0.04 -7.69
N HIS A 196 21.53 0.78 -8.79
CA HIS A 196 22.41 1.93 -8.80
C HIS A 196 21.56 3.21 -8.78
N ARG A 197 21.49 3.88 -7.63
CA ARG A 197 20.67 5.11 -7.51
C ARG A 197 21.11 6.11 -8.56
N LEU A 198 20.17 6.88 -9.11
CA LEU A 198 20.53 7.81 -10.16
C LEU A 198 21.36 8.95 -9.59
N GLY A 199 22.35 9.39 -10.31
CA GLY A 199 23.20 10.48 -9.84
C GLY A 199 24.31 10.08 -8.89
N GLU A 200 24.31 8.83 -8.43
CA GLU A 200 25.36 8.35 -7.53
C GLU A 200 26.47 7.52 -8.23
N LYS A 201 27.66 7.55 -7.67
CA LYS A 201 28.77 6.81 -8.25
C LYS A 201 28.51 5.32 -8.03
N ILE A 202 28.72 4.53 -9.07
CA ILE A 202 28.55 3.08 -9.00
C ILE A 202 29.69 2.47 -8.17
N ILE A 203 29.35 1.64 -7.19
CA ILE A 203 30.33 1.11 -6.27
C ILE A 203 30.56 -0.38 -6.47
N GLU A 204 29.47 -1.11 -6.63
CA GLU A 204 29.56 -2.56 -6.76
C GLU A 204 28.92 -3.01 -8.07
N LYS A 205 29.46 -4.08 -8.63
CA LYS A 205 29.00 -4.57 -9.94
C LYS A 205 28.89 -6.06 -9.87
N CYS A 206 28.00 -6.62 -10.66
CA CYS A 206 27.90 -8.06 -10.74
C CYS A 206 29.27 -8.65 -11.08
N GLY A 207 29.54 -9.79 -10.48
CA GLY A 207 30.77 -10.53 -10.77
C GLY A 207 32.02 -10.01 -10.10
N ALA A 208 31.88 -9.05 -9.20
CA ALA A 208 33.06 -8.48 -8.54
C ALA A 208 32.75 -8.23 -7.07
N GLY A 209 33.80 -8.09 -6.24
CA GLY A 209 33.64 -7.66 -4.84
C GLY A 209 32.68 -8.56 -4.07
N SER A 210 31.80 -7.97 -3.28
CA SER A 210 30.94 -8.80 -2.42
C SER A 210 29.92 -9.59 -3.26
N LEU A 211 29.65 -9.10 -4.47
CA LEU A 211 28.71 -9.79 -5.34
C LEU A 211 29.33 -11.07 -5.91
N LEU A 212 30.67 -11.07 -6.04
CA LEU A 212 31.33 -12.31 -6.47
C LEU A 212 31.34 -13.27 -5.28
N ASP A 213 31.60 -12.77 -4.07
CA ASP A 213 31.48 -13.64 -2.88
C ASP A 213 30.12 -14.27 -2.84
N LEU A 214 29.09 -13.46 -3.08
CA LEU A 214 27.73 -13.99 -3.02
C LEU A 214 27.53 -15.05 -4.11
N GLU A 215 27.96 -14.75 -5.33
CA GLU A 215 27.81 -15.72 -6.41
C GLU A 215 28.40 -17.07 -6.01
N LYS A 216 29.60 -17.03 -5.43
CA LYS A 216 30.26 -18.29 -5.07
C LYS A 216 29.49 -19.03 -3.97
N LEU A 217 28.97 -18.29 -2.99
CA LEU A 217 28.21 -18.93 -1.91
C LEU A 217 26.93 -19.54 -2.43
N VAL A 218 26.25 -18.81 -3.32
CA VAL A 218 25.02 -19.33 -3.92
C VAL A 218 25.30 -20.60 -4.71
N LYS A 219 26.37 -20.61 -5.49
CA LYS A 219 26.68 -21.79 -6.33
C LYS A 219 27.09 -22.97 -5.45
N ALA A 220 27.76 -22.69 -4.33
CA ALA A 220 28.18 -23.73 -3.39
C ALA A 220 26.99 -24.40 -2.72
N LYS A 221 25.88 -23.67 -2.64
CA LYS A 221 24.63 -24.23 -2.11
C LYS A 221 23.84 -24.91 -3.22
N HIS A 222 24.43 -24.99 -4.42
CA HIS A 222 23.83 -25.69 -5.58
C HIS A 222 22.60 -24.98 -6.12
N PHE A 223 22.51 -23.66 -5.90
CA PHE A 223 21.49 -22.88 -6.54
C PHE A 223 22.04 -22.28 -7.82
N ALA A 224 21.20 -22.04 -8.81
CA ALA A 224 21.64 -21.29 -9.95
C ALA A 224 21.75 -19.84 -9.49
N PHE A 225 22.43 -19.03 -10.29
CA PHE A 225 22.67 -17.63 -9.91
C PHE A 225 22.61 -16.73 -11.14
N ASP A 226 21.94 -15.59 -11.03
CA ASP A 226 22.16 -14.54 -12.03
C ASP A 226 22.15 -13.19 -11.37
N CYS A 227 22.59 -12.18 -12.09
CA CYS A 227 22.80 -10.89 -11.49
C CYS A 227 22.62 -9.86 -12.58
N VAL A 228 21.88 -8.77 -12.29
CA VAL A 228 21.69 -7.69 -13.29
C VAL A 228 21.76 -6.36 -12.56
N GLU A 229 22.25 -5.33 -13.23
CA GLU A 229 22.33 -4.02 -12.59
C GLU A 229 21.31 -3.14 -13.27
N ASN A 230 20.48 -2.44 -12.48
CA ASN A 230 19.44 -1.55 -13.04
C ASN A 230 18.78 -2.11 -14.28
N PRO A 231 18.18 -3.30 -14.15
CA PRO A 231 17.44 -3.78 -15.32
C PRO A 231 16.34 -2.77 -15.69
N ARG A 232 15.90 -2.78 -16.95
CA ARG A 232 15.04 -1.70 -17.43
C ARG A 232 13.84 -1.42 -16.55
N ALA A 233 13.11 -2.46 -16.13
CA ALA A 233 11.92 -2.23 -15.33
C ALA A 233 12.25 -1.47 -14.05
N VAL A 234 13.38 -1.79 -13.43
CA VAL A 234 13.79 -1.10 -12.21
C VAL A 234 14.24 0.33 -12.56
N LEU A 235 15.01 0.49 -13.63
CA LEU A 235 15.49 1.81 -14.04
C LEU A 235 14.28 2.72 -14.23
N PHE A 236 13.23 2.20 -14.86
CA PHE A 236 12.04 3.02 -15.08
C PHE A 236 11.37 3.48 -13.78
N LEU A 237 11.31 2.61 -12.79
CA LEU A 237 10.83 3.01 -11.47
C LEU A 237 11.66 4.16 -10.89
N LEU A 238 13.00 4.06 -10.96
CA LEU A 238 13.86 5.12 -10.44
C LEU A 238 13.59 6.40 -11.21
N CYS A 239 13.49 6.28 -12.53
CA CYS A 239 13.23 7.46 -13.38
C CYS A 239 11.92 8.15 -13.08
N SER A 240 10.93 7.39 -12.63
CA SER A 240 9.66 8.00 -12.33
C SER A 240 9.85 9.10 -11.29
N ASP A 241 10.76 8.87 -10.33
CA ASP A 241 11.02 9.85 -9.27
C ASP A 241 12.09 10.89 -9.59
N ASN A 242 12.78 10.74 -10.73
CA ASN A 242 13.83 11.69 -11.13
C ASN A 242 13.85 11.69 -12.66
N PRO A 243 12.76 12.16 -13.31
CA PRO A 243 12.68 11.94 -14.73
C PRO A 243 13.71 12.72 -15.56
N ASN A 244 14.28 13.78 -14.99
CA ASN A 244 15.32 14.56 -15.71
C ASN A 244 16.73 14.07 -15.51
N ALA A 245 16.87 12.98 -14.76
CA ALA A 245 18.18 12.36 -14.65
C ALA A 245 18.73 11.99 -16.02
N ARG A 246 20.04 12.15 -16.20
CA ARG A 246 20.67 11.77 -17.47
C ARG A 246 20.30 10.37 -17.95
N GLU A 247 20.24 9.41 -17.02
CA GLU A 247 19.98 8.00 -17.34
C GLU A 247 18.58 7.75 -17.87
N CYS A 248 17.73 8.77 -17.75
CA CYS A 248 16.29 8.62 -18.08
C CYS A 248 15.90 9.23 -19.43
N ARG A 249 16.89 9.64 -20.22
CA ARG A 249 16.58 10.33 -21.46
C ARG A 249 15.86 9.44 -22.48
N LEU A 250 14.70 9.89 -22.94
CA LEU A 250 13.89 9.09 -23.83
C LEU A 250 14.35 9.28 -25.27
N ALA A 251 14.09 8.29 -26.12
CA ALA A 251 14.52 8.36 -27.52
C ALA A 251 13.88 9.56 -28.15
N ILE B 1 -24.15 -9.29 -5.62
CA ILE B 1 -22.71 -9.33 -5.22
C ILE B 1 -22.56 -9.86 -3.80
N VAL B 2 -21.37 -10.37 -3.49
CA VAL B 2 -21.14 -11.04 -2.22
C VAL B 2 -20.68 -9.99 -1.21
N PRO B 3 -21.38 -9.88 -0.07
CA PRO B 3 -20.99 -8.88 0.91
C PRO B 3 -19.69 -9.29 1.62
N THR B 4 -18.93 -8.27 2.04
CA THR B 4 -17.78 -8.48 2.89
C THR B 4 -18.13 -9.19 4.19
N ARG B 5 -17.35 -10.23 4.53
CA ARG B 5 -17.57 -10.96 5.77
C ARG B 5 -17.13 -10.12 6.96
N GLU B 6 -17.79 -10.31 8.10
CA GLU B 6 -17.40 -9.62 9.34
C GLU B 6 -17.22 -8.13 9.15
N LEU B 7 -18.21 -7.50 8.52
CA LEU B 7 -18.12 -6.08 8.14
C LEU B 7 -17.67 -5.22 9.34
N GLU B 8 -18.31 -5.43 10.49
CA GLU B 8 -18.01 -4.57 11.63
C GLU B 8 -16.57 -4.77 12.08
N ASN B 9 -16.12 -6.03 12.19
CA ASN B 9 -14.71 -6.31 12.57
C ASN B 9 -13.68 -5.70 11.63
N VAL B 10 -13.95 -5.74 10.32
CA VAL B 10 -13.05 -5.20 9.33
C VAL B 10 -13.06 -3.67 9.42
N PHE B 11 -14.24 -3.05 9.47
CA PHE B 11 -14.34 -1.58 9.62
C PHE B 11 -13.55 -1.12 10.88
N LEU B 12 -13.80 -1.77 12.01
CA LEU B 12 -13.19 -1.33 13.26
C LEU B 12 -11.70 -1.58 13.24
N GLY B 13 -11.29 -2.69 12.61
CA GLY B 13 -9.86 -3.06 12.58
C GLY B 13 -9.10 -2.06 11.69
N ARG B 14 -9.70 -1.74 10.55
CA ARG B 14 -9.09 -0.76 9.65
C ARG B 14 -9.09 0.62 10.33
N CYS B 15 -10.17 0.93 11.02
CA CYS B 15 -10.27 2.24 11.67
C CYS B 15 -9.17 2.40 12.72
N LYS B 16 -8.98 1.37 13.52
CA LYS B 16 -7.98 1.44 14.60
C LYS B 16 -6.56 1.44 14.04
N ASP B 17 -6.31 0.58 13.08
CA ASP B 17 -5.02 0.57 12.41
C ASP B 17 -4.72 1.95 11.85
N TYR B 18 -5.71 2.49 11.15
CA TYR B 18 -5.55 3.86 10.57
C TYR B 18 -5.24 4.90 11.67
N GLU B 19 -6.08 4.93 12.69
CA GLU B 19 -6.00 5.92 13.78
C GLU B 19 -4.56 5.97 14.30
N ILE B 20 -4.04 4.79 14.69
CA ILE B 20 -2.76 4.76 15.41
C ILE B 20 -1.55 4.79 14.53
N THR B 21 -1.68 4.30 13.29
CA THR B 21 -0.46 4.05 12.53
C THR B 21 -0.37 4.55 11.08
N ARG B 22 -1.49 4.93 10.48
CA ARG B 22 -1.47 5.25 9.05
C ARG B 22 -1.54 6.75 8.74
N TYR B 23 -0.75 7.17 7.78
CA TYR B 23 -0.78 8.56 7.28
C TYR B 23 -0.47 9.58 8.35
N LEU B 24 0.33 9.24 9.37
CA LEU B 24 0.49 10.10 10.52
C LEU B 24 1.09 11.44 10.15
N ASP B 25 1.94 11.45 9.17
CA ASP B 25 2.58 12.74 8.85
C ASP B 25 1.97 13.40 7.62
N ILE B 26 0.80 12.92 7.20
CA ILE B 26 0.19 13.28 5.90
C ILE B 26 -1.25 13.85 6.17
N LEU B 27 -1.98 13.17 7.04
CA LEU B 27 -3.37 13.50 7.31
C LEU B 27 -3.66 13.53 8.81
N PRO B 28 -4.51 14.46 9.26
CA PRO B 28 -4.83 14.56 10.68
C PRO B 28 -5.73 13.40 11.18
N ARG B 29 -5.68 13.13 12.49
CA ARG B 29 -6.55 12.17 13.12
C ARG B 29 -7.90 12.89 13.26
N VAL B 30 -9.01 12.18 13.22
CA VAL B 30 -10.30 12.79 13.51
C VAL B 30 -10.63 12.70 15.02
N ARG B 31 -11.61 13.45 15.46
CA ARG B 31 -11.95 13.51 16.89
C ARG B 31 -12.71 12.27 17.30
N SER B 32 -13.55 11.74 16.41
CA SER B 32 -14.46 10.64 16.77
C SER B 32 -13.75 9.32 16.95
N ASP B 33 -14.12 8.56 17.99
CA ASP B 33 -13.54 7.22 18.09
C ASP B 33 -14.16 6.21 17.11
N CYS B 34 -13.50 5.06 16.95
CA CYS B 34 -13.94 4.13 15.93
C CYS B 34 -15.31 3.57 16.20
N SER B 35 -15.65 3.37 17.46
CA SER B 35 -17.03 2.90 17.72
C SER B 35 -18.12 3.93 17.31
N ALA B 36 -17.83 5.23 17.51
CA ALA B 36 -18.75 6.30 17.13
C ALA B 36 -18.88 6.35 15.62
N LEU B 37 -17.76 6.20 14.93
CA LEU B 37 -17.78 6.17 13.47
C LEU B 37 -18.59 4.99 12.95
N TRP B 38 -18.41 3.81 13.57
CA TRP B 38 -19.18 2.66 13.18
C TRP B 38 -20.67 2.94 13.35
N LYS B 39 -21.05 3.53 14.48
CA LYS B 39 -22.46 3.82 14.73
C LYS B 39 -23.06 4.69 13.62
N ASP B 40 -22.28 5.69 13.20
CA ASP B 40 -22.73 6.61 12.16
C ASP B 40 -22.80 5.95 10.79
N PHE B 41 -21.83 5.10 10.50
CA PHE B 41 -21.80 4.33 9.26
C PHE B 41 -22.98 3.39 9.19
N PHE B 42 -23.16 2.55 10.23
CA PHE B 42 -24.16 1.51 10.20
C PHE B 42 -25.58 2.05 10.06
N LYS B 43 -25.85 3.15 10.72
CA LYS B 43 -27.20 3.70 10.77
C LYS B 43 -27.62 4.29 9.45
N ALA B 44 -26.63 4.60 8.63
CA ALA B 44 -26.92 5.15 7.29
C ALA B 44 -27.72 4.15 6.44
N PHE B 45 -27.49 2.84 6.62
CA PHE B 45 -28.07 1.82 5.76
C PHE B 45 -28.83 0.70 6.49
N SER B 46 -28.67 0.64 7.81
CA SER B 46 -29.15 -0.53 8.52
C SER B 46 -30.65 -0.48 8.68
N PHE B 47 -31.26 -1.67 8.70
CA PHE B 47 -32.70 -1.85 8.94
C PHE B 47 -33.58 -1.20 7.88
N LYS B 48 -33.06 -1.17 6.66
CA LYS B 48 -33.77 -0.64 5.51
C LYS B 48 -33.53 -1.55 4.34
N ASN B 49 -34.41 -1.46 3.34
CA ASN B 49 -34.21 -2.17 2.10
C ASN B 49 -32.88 -1.74 1.54
N PRO B 50 -32.22 -2.63 0.77
CA PRO B 50 -30.85 -2.34 0.38
C PRO B 50 -30.75 -1.13 -0.55
N CYS B 51 -31.85 -0.76 -1.23
CA CYS B 51 -31.83 0.39 -2.14
C CYS B 51 -32.41 1.66 -1.51
N ASP B 52 -32.73 1.59 -0.22
CA ASP B 52 -33.34 2.71 0.46
C ASP B 52 -32.26 3.67 1.00
N LEU B 53 -31.53 4.28 0.06
CA LEU B 53 -30.46 5.23 0.36
C LEU B 53 -30.57 6.41 -0.54
N ASP B 54 -30.02 7.54 -0.09
CA ASP B 54 -29.86 8.73 -0.92
C ASP B 54 -28.65 9.51 -0.46
N LEU B 55 -28.42 10.67 -1.06
CA LEU B 55 -27.14 11.31 -0.81
C LEU B 55 -26.97 11.73 0.65
N GLY B 56 -28.07 11.83 1.38
CA GLY B 56 -28.00 12.26 2.77
C GLY B 56 -27.76 11.14 3.74
N SER B 57 -27.80 9.88 3.26
CA SER B 57 -27.84 8.74 4.16
C SER B 57 -26.61 8.67 5.07
N TYR B 58 -25.43 8.93 4.48
CA TYR B 58 -24.16 8.85 5.26
C TYR B 58 -23.67 10.22 5.71
N LYS B 59 -24.55 11.20 5.70
CA LYS B 59 -24.14 12.55 6.11
C LYS B 59 -23.38 12.55 7.44
N ASP B 60 -23.95 11.93 8.48
CA ASP B 60 -23.33 12.00 9.81
C ASP B 60 -21.96 11.32 9.80
N PHE B 61 -21.90 10.17 9.13
CA PHE B 61 -20.62 9.44 9.04
C PHE B 61 -19.53 10.31 8.39
N PHE B 62 -19.85 10.86 7.23
CA PHE B 62 -18.83 11.64 6.53
C PHE B 62 -18.44 12.93 7.27
N THR B 63 -19.39 13.55 7.94
CA THR B 63 -19.12 14.72 8.73
C THR B 63 -18.17 14.38 9.87
N SER B 64 -18.41 13.24 10.50
CA SER B 64 -17.54 12.76 11.57
C SER B 64 -16.14 12.36 11.06
N ALA B 65 -16.10 11.79 9.86
CA ALA B 65 -14.88 11.19 9.36
C ALA B 65 -14.01 12.15 8.57
N GLN B 66 -14.48 13.38 8.34
CA GLN B 66 -13.75 14.22 7.37
C GLN B 66 -12.48 14.81 7.98
N GLN B 67 -11.40 14.72 7.24
CA GLN B 67 -10.14 15.29 7.63
C GLN B 67 -9.83 16.55 6.85
N GLN B 68 -9.17 17.50 7.49
CA GLN B 68 -8.47 18.56 6.73
C GLN B 68 -7.48 17.93 5.77
N LEU B 69 -7.45 18.41 4.52
CA LEU B 69 -6.60 17.75 3.49
C LEU B 69 -5.40 18.65 3.14
N PRO B 70 -4.25 18.04 2.83
CA PRO B 70 -3.02 18.78 2.56
C PRO B 70 -3.15 19.66 1.33
N LYS B 71 -2.85 20.94 1.47
CA LYS B 71 -2.89 21.88 0.35
C LYS B 71 -2.02 21.41 -0.84
N ASN B 72 -2.58 21.53 -2.05
CA ASN B 72 -1.89 21.21 -3.31
C ASN B 72 -1.66 19.75 -3.54
N LYS B 73 -2.18 18.88 -2.67
CA LYS B 73 -1.86 17.45 -2.80
C LYS B 73 -3.07 16.58 -3.07
N VAL B 74 -4.25 17.16 -3.21
CA VAL B 74 -5.42 16.36 -3.39
C VAL B 74 -5.51 15.90 -4.86
N MET B 75 -5.67 14.60 -5.02
CA MET B 75 -5.89 14.00 -6.34
C MET B 75 -7.27 13.32 -6.42
N PHE B 76 -7.91 13.47 -7.57
CA PHE B 76 -9.14 12.78 -7.96
C PHE B 76 -8.79 11.93 -9.16
N TRP B 77 -9.56 10.88 -9.39
CA TRP B 77 -9.28 10.02 -10.56
C TRP B 77 -10.57 9.36 -11.05
N SER B 78 -10.61 9.07 -12.35
CA SER B 78 -11.76 8.42 -12.91
C SER B 78 -11.21 7.36 -13.87
N GLY B 79 -11.57 6.09 -13.66
CA GLY B 79 -11.27 5.04 -14.66
C GLY B 79 -9.85 4.52 -14.67
N VAL B 80 -9.04 4.93 -13.69
CA VAL B 80 -7.57 4.64 -13.68
C VAL B 80 -7.04 4.28 -12.27
N TYR B 81 -7.77 3.40 -11.57
CA TYR B 81 -7.41 3.11 -10.16
C TYR B 81 -5.93 2.80 -9.99
N ASP B 82 -5.41 1.82 -10.69
CA ASP B 82 -4.07 1.36 -10.36
C ASP B 82 -3.03 2.46 -10.67
N GLU B 83 -3.17 3.10 -11.83
CA GLU B 83 -2.19 4.10 -12.23
C GLU B 83 -2.23 5.33 -11.31
N ALA B 84 -3.44 5.75 -10.93
CA ALA B 84 -3.59 6.91 -10.06
C ALA B 84 -2.95 6.61 -8.68
N HIS B 85 -3.22 5.43 -8.12
CA HIS B 85 -2.69 5.12 -6.81
C HIS B 85 -1.23 4.83 -6.82
N ASP B 86 -0.75 4.28 -7.91
CA ASP B 86 0.69 4.02 -7.99
C ASP B 86 1.40 5.36 -8.05
N TYR B 87 0.86 6.30 -8.82
CA TYR B 87 1.49 7.62 -8.99
C TYR B 87 1.41 8.42 -7.69
N ALA B 88 0.23 8.41 -7.08
CA ALA B 88 0.05 9.14 -5.82
C ALA B 88 0.97 8.61 -4.72
N ASN B 89 1.22 7.30 -4.74
CA ASN B 89 2.24 6.65 -3.88
C ASN B 89 1.90 6.80 -2.39
N THR B 90 0.70 6.35 -2.05
CA THR B 90 0.26 6.25 -0.66
C THR B 90 0.46 7.55 0.09
N GLY B 91 0.05 8.62 -0.54
CA GLY B 91 0.07 9.88 0.14
C GLY B 91 1.34 10.64 -0.01
N ARG B 92 2.40 9.99 -0.48
CA ARG B 92 3.70 10.67 -0.57
C ARG B 92 3.78 11.75 -1.65
N LYS B 93 3.16 11.50 -2.81
CA LYS B 93 3.12 12.52 -3.83
C LYS B 93 1.74 13.24 -3.81
N TYR B 94 0.69 12.44 -3.78
CA TYR B 94 -0.67 12.97 -3.67
C TYR B 94 -1.47 12.10 -2.70
N ILE B 95 -2.56 12.67 -2.19
CA ILE B 95 -3.58 11.97 -1.44
C ILE B 95 -4.66 11.55 -2.45
N THR B 96 -5.23 10.35 -2.30
CA THR B 96 -6.47 9.98 -3.01
C THR B 96 -7.55 9.76 -1.97
N LEU B 97 -8.79 9.68 -2.43
CA LEU B 97 -9.87 9.48 -1.48
C LEU B 97 -9.60 8.21 -0.68
N GLU B 98 -8.94 7.24 -1.32
CA GLU B 98 -8.71 5.95 -0.67
C GLU B 98 -7.66 5.99 0.44
N ASP B 99 -6.94 7.11 0.55
CA ASP B 99 -5.99 7.29 1.64
C ASP B 99 -6.62 8.05 2.79
N THR B 100 -7.82 8.61 2.61
CA THR B 100 -8.49 9.31 3.71
C THR B 100 -9.12 8.26 4.64
N LEU B 101 -9.44 8.64 5.87
CA LEU B 101 -10.00 7.65 6.79
C LEU B 101 -11.22 6.92 6.21
N PRO B 102 -12.25 7.64 5.73
CA PRO B 102 -13.44 6.89 5.32
C PRO B 102 -13.17 6.10 4.08
N GLY B 103 -12.43 6.69 3.13
CA GLY B 103 -12.07 5.90 1.93
C GLY B 103 -11.22 4.67 2.25
N TYR B 104 -10.28 4.78 3.17
CA TYR B 104 -9.44 3.65 3.57
C TYR B 104 -10.26 2.55 4.25
N MET B 105 -11.15 2.96 5.14
CA MET B 105 -11.99 1.97 5.81
C MET B 105 -12.89 1.16 4.88
N LEU B 106 -13.50 1.80 3.89
CA LEU B 106 -14.49 1.10 3.10
C LEU B 106 -14.00 0.71 1.71
N ASN B 107 -12.76 1.05 1.38
CA ASN B 107 -12.24 0.66 0.05
C ASN B 107 -12.43 -0.84 -0.20
N SER B 108 -13.04 -1.15 -1.34
CA SER B 108 -13.23 -2.54 -1.83
C SER B 108 -14.36 -3.28 -1.13
N LEU B 109 -14.96 -2.72 -0.10
CA LEU B 109 -15.87 -3.52 0.72
C LEU B 109 -17.24 -3.47 0.11
N VAL B 110 -18.05 -4.46 0.48
CA VAL B 110 -19.40 -4.56 -0.08
C VAL B 110 -20.36 -4.78 1.06
N TRP B 111 -21.42 -3.97 1.14
CA TRP B 111 -22.37 -4.13 2.22
C TRP B 111 -23.72 -3.60 1.82
N CYS B 112 -24.77 -4.00 2.53
CA CYS B 112 -26.08 -3.40 2.26
C CYS B 112 -27.03 -3.68 3.40
N GLY B 113 -28.05 -2.85 3.51
CA GLY B 113 -29.09 -3.03 4.51
C GLY B 113 -30.11 -4.10 4.14
N GLN B 114 -30.80 -4.56 5.18
CA GLN B 114 -32.09 -5.28 5.07
C GLN B 114 -32.95 -4.87 6.24
N ARG B 115 -34.27 -5.03 6.15
CA ARG B 115 -35.13 -4.58 7.23
C ARG B 115 -35.07 -5.54 8.43
N ALA B 116 -34.97 -6.83 8.15
CA ALA B 116 -34.98 -7.82 9.21
C ALA B 116 -33.68 -7.78 10.00
N ASN B 117 -33.77 -8.13 11.27
CA ASN B 117 -32.57 -8.29 12.07
C ASN B 117 -31.59 -9.18 11.30
N PRO B 118 -30.28 -8.88 11.34
CA PRO B 118 -29.56 -7.88 12.13
C PRO B 118 -29.48 -6.50 11.46
N GLY B 119 -30.27 -6.27 10.43
CA GLY B 119 -30.30 -4.94 9.81
C GLY B 119 -29.38 -4.80 8.60
N PHE B 120 -28.58 -5.83 8.33
CA PHE B 120 -27.77 -5.82 7.12
C PHE B 120 -27.68 -7.20 6.56
N ASN B 121 -27.38 -7.28 5.27
CA ASN B 121 -27.45 -8.55 4.58
C ASN B 121 -26.07 -9.20 4.47
N GLU B 122 -25.92 -10.37 5.07
CA GLU B 122 -24.65 -11.07 5.07
C GLU B 122 -24.54 -12.08 3.94
N LYS B 123 -25.59 -12.20 3.12
CA LYS B 123 -25.55 -13.23 2.10
C LYS B 123 -25.38 -12.63 0.70
N VAL B 124 -26.12 -11.56 0.42
CA VAL B 124 -26.21 -11.08 -0.95
C VAL B 124 -26.56 -9.58 -0.92
N CYS B 125 -25.91 -8.82 -1.79
CA CYS B 125 -26.24 -7.41 -2.00
C CYS B 125 -26.57 -7.22 -3.49
N PRO B 126 -27.47 -6.25 -3.80
CA PRO B 126 -27.78 -5.89 -5.21
C PRO B 126 -26.54 -5.42 -5.99
N ASP B 127 -26.47 -5.81 -7.28
CA ASP B 127 -25.51 -5.32 -8.25
C ASP B 127 -25.51 -3.79 -8.23
N PHE B 128 -26.59 -3.22 -7.71
CA PHE B 128 -26.64 -1.78 -7.42
C PHE B 128 -26.73 -0.94 -8.69
N LYS B 129 -26.26 -1.49 -9.81
CA LYS B 129 -26.81 -1.09 -11.08
C LYS B 129 -28.32 -1.40 -11.02
N THR B 130 -28.73 -2.12 -9.96
CA THR B 130 -30.13 -2.36 -9.67
C THR B 130 -30.86 -1.27 -8.85
N CYS B 131 -30.12 -0.51 -8.04
CA CYS B 131 -30.75 0.53 -7.22
C CYS B 131 -30.83 1.86 -7.97
N PRO B 132 -31.76 2.74 -7.58
CA PRO B 132 -31.81 4.06 -8.21
C PRO B 132 -30.52 4.82 -8.02
N VAL B 133 -30.23 5.77 -8.93
CA VAL B 133 -28.92 6.41 -8.94
C VAL B 133 -28.50 7.02 -7.59
N GLN B 134 -29.46 7.66 -6.91
CA GLN B 134 -29.14 8.31 -5.63
C GLN B 134 -28.73 7.30 -4.55
N ALA B 135 -29.24 6.06 -4.69
CA ALA B 135 -28.91 4.97 -3.75
C ALA B 135 -27.56 4.35 -4.09
N ARG B 136 -27.38 4.00 -5.36
CA ARG B 136 -26.11 3.44 -5.83
C ARG B 136 -24.92 4.38 -5.55
N GLU B 137 -25.18 5.69 -5.64
CA GLU B 137 -24.11 6.64 -5.43
C GLU B 137 -24.06 7.23 -4.01
N SER B 138 -24.93 6.75 -3.09
CA SER B 138 -25.08 7.33 -1.75
C SER B 138 -23.75 7.44 -1.01
N PHE B 139 -23.03 6.32 -0.96
CA PHE B 139 -21.79 6.26 -0.19
C PHE B 139 -20.64 6.99 -0.88
N TRP B 140 -20.23 6.50 -2.05
CA TRP B 140 -19.03 7.07 -2.71
C TRP B 140 -19.32 8.48 -3.27
N GLY B 141 -20.57 8.82 -3.56
CA GLY B 141 -20.89 10.18 -3.97
C GLY B 141 -20.71 11.14 -2.82
N MET B 142 -21.26 10.81 -1.66
CA MET B 142 -21.03 11.68 -0.51
C MET B 142 -19.54 11.70 -0.12
N ALA B 143 -18.87 10.56 -0.28
CA ALA B 143 -17.43 10.51 -0.01
C ALA B 143 -16.72 11.55 -0.88
N SER B 144 -17.05 11.54 -2.16
CA SER B 144 -16.43 12.44 -3.12
C SER B 144 -16.79 13.88 -2.85
N SER B 145 -18.04 14.14 -2.51
CA SER B 145 -18.48 15.49 -2.22
C SER B 145 -17.73 16.08 -1.05
N SER B 146 -17.64 15.29 0.00
CA SER B 146 -17.02 15.77 1.23
C SER B 146 -15.50 15.98 1.03
N TYR B 147 -14.86 15.07 0.31
CA TYR B 147 -13.44 15.19 0.01
C TYR B 147 -13.20 16.43 -0.87
N ALA B 148 -14.03 16.62 -1.89
CA ALA B 148 -13.85 17.79 -2.78
C ALA B 148 -14.02 19.09 -1.99
N HIS B 149 -15.02 19.12 -1.10
CA HIS B 149 -15.27 20.31 -0.29
C HIS B 149 -14.05 20.70 0.55
N SER B 150 -13.27 19.70 0.97
CA SER B 150 -12.11 19.94 1.83
C SER B 150 -10.82 20.26 1.07
N ALA B 151 -10.84 20.12 -0.26
CA ALA B 151 -9.64 20.30 -1.04
C ALA B 151 -9.26 21.80 -1.10
N GLU B 152 -7.95 22.04 -1.05
CA GLU B 152 -7.37 23.37 -1.11
C GLU B 152 -6.17 23.44 -2.06
N GLY B 153 -5.99 24.60 -2.70
CA GLY B 153 -4.86 24.85 -3.56
C GLY B 153 -5.04 24.16 -4.89
N GLU B 154 -3.95 23.61 -5.43
CA GLU B 154 -3.97 22.92 -6.72
C GLU B 154 -4.54 21.52 -6.54
N VAL B 155 -5.50 21.12 -7.36
CA VAL B 155 -5.99 19.73 -7.28
C VAL B 155 -5.62 19.05 -8.59
N THR B 156 -5.41 17.75 -8.54
CA THR B 156 -4.97 17.01 -9.71
C THR B 156 -6.05 16.01 -10.05
N TYR B 157 -6.29 15.77 -11.34
CA TYR B 157 -7.33 14.85 -11.74
C TYR B 157 -6.76 13.95 -12.81
N MET B 158 -6.71 12.65 -12.53
CA MET B 158 -6.15 11.72 -13.53
C MET B 158 -7.28 11.00 -14.24
N VAL B 159 -7.26 10.96 -15.58
CA VAL B 159 -8.34 10.35 -16.34
C VAL B 159 -7.79 9.35 -17.37
N ASP B 160 -8.67 8.51 -17.91
CA ASP B 160 -8.28 7.54 -18.97
C ASP B 160 -8.51 8.19 -20.34
N GLY B 161 -7.41 8.37 -21.10
CA GLY B 161 -7.50 8.96 -22.40
C GLY B 161 -7.49 7.87 -23.48
N SER B 162 -7.69 6.61 -23.08
CA SER B 162 -7.60 5.52 -24.03
C SER B 162 -8.82 4.58 -24.02
N ASN B 163 -9.95 5.05 -23.51
CA ASN B 163 -11.12 4.20 -23.40
C ASN B 163 -12.15 4.59 -24.46
N PRO B 164 -12.38 3.73 -25.46
CA PRO B 164 -13.24 4.13 -26.57
C PRO B 164 -14.71 4.13 -26.14
N LYS B 165 -15.02 3.60 -24.95
CA LYS B 165 -16.40 3.49 -24.47
C LYS B 165 -16.79 4.52 -23.43
N VAL B 166 -15.80 5.14 -22.80
CA VAL B 166 -16.06 6.05 -21.70
C VAL B 166 -15.18 7.28 -21.84
N PRO B 167 -15.81 8.43 -22.03
CA PRO B 167 -15.00 9.63 -22.20
C PRO B 167 -14.11 9.85 -20.98
N ALA B 168 -13.02 10.56 -21.24
CA ALA B 168 -12.04 10.88 -20.19
C ALA B 168 -12.74 11.62 -19.08
N TYR B 169 -13.53 12.62 -19.48
CA TYR B 169 -14.30 13.40 -18.51
C TYR B 169 -15.77 13.27 -18.86
N ARG B 170 -16.58 13.01 -17.83
CA ARG B 170 -18.02 13.11 -18.09
C ARG B 170 -18.75 13.62 -16.88
N PRO B 171 -19.87 14.32 -17.11
CA PRO B 171 -20.55 14.95 -15.99
C PRO B 171 -21.18 13.95 -15.05
N ASP B 172 -21.37 12.71 -15.49
CA ASP B 172 -22.01 11.76 -14.61
C ASP B 172 -21.08 10.83 -13.89
N SER B 173 -19.78 11.05 -13.98
CA SER B 173 -18.83 10.25 -13.19
C SER B 173 -18.85 10.72 -11.76
N PHE B 174 -18.23 10.00 -10.83
CA PHE B 174 -18.24 10.54 -9.47
C PHE B 174 -17.57 11.90 -9.46
N PHE B 175 -16.48 12.06 -10.19
CA PHE B 175 -15.84 13.38 -10.19
C PHE B 175 -16.72 14.44 -10.84
N GLY B 176 -17.32 14.12 -11.99
CA GLY B 176 -18.15 15.12 -12.70
C GLY B 176 -19.37 15.54 -11.91
N LYS B 177 -19.92 14.60 -11.12
CA LYS B 177 -21.20 14.85 -10.46
C LYS B 177 -20.99 15.38 -9.05
N TYR B 178 -19.97 14.84 -8.41
CA TYR B 178 -19.72 15.12 -6.98
C TYR B 178 -18.43 15.82 -6.66
N GLY B 179 -17.48 15.77 -7.58
CA GLY B 179 -16.17 16.31 -7.30
C GLY B 179 -16.10 17.77 -7.75
N LEU B 180 -16.01 17.99 -9.05
CA LEU B 180 -15.89 19.36 -9.60
C LEU B 180 -16.88 20.34 -9.08
N PRO B 181 -18.18 19.96 -9.00
CA PRO B 181 -19.18 20.93 -8.54
C PRO B 181 -19.01 21.31 -7.08
N ASN B 182 -18.26 20.51 -6.33
CA ASN B 182 -18.05 20.80 -4.91
C ASN B 182 -16.69 21.37 -4.55
N LEU B 183 -15.86 21.63 -5.55
CA LEU B 183 -14.59 22.34 -5.27
C LEU B 183 -14.94 23.78 -4.88
N THR B 184 -14.28 24.30 -3.85
CA THR B 184 -14.60 25.61 -3.32
C THR B 184 -13.60 26.66 -3.77
N ASN B 185 -13.78 27.90 -3.29
CA ASN B 185 -12.89 28.95 -3.70
C ASN B 185 -11.48 28.79 -3.09
N LYS B 186 -11.30 27.82 -2.20
CA LYS B 186 -9.94 27.49 -1.69
C LYS B 186 -9.08 26.80 -2.75
N VAL B 187 -9.74 26.28 -3.80
CA VAL B 187 -9.03 25.59 -4.90
C VAL B 187 -8.59 26.66 -5.89
N THR B 188 -7.37 26.53 -6.42
CA THR B 188 -6.79 27.55 -7.26
C THR B 188 -6.59 27.08 -8.72
N ARG B 189 -6.51 25.78 -8.91
CA ARG B 189 -6.11 25.23 -10.20
C ARG B 189 -6.55 23.79 -10.24
N VAL B 190 -7.02 23.33 -11.40
CA VAL B 190 -7.24 21.90 -11.64
C VAL B 190 -6.22 21.46 -12.65
N LYS B 191 -5.40 20.48 -12.27
CA LYS B 191 -4.32 19.99 -13.15
C LYS B 191 -4.73 18.61 -13.62
N VAL B 192 -4.97 18.46 -14.92
CA VAL B 192 -5.44 17.16 -15.43
C VAL B 192 -4.25 16.36 -15.96
N ILE B 193 -4.25 15.06 -15.65
CA ILE B 193 -3.27 14.15 -16.20
C ILE B 193 -4.03 13.10 -16.99
N VAL B 194 -3.74 13.03 -18.29
CA VAL B 194 -4.45 12.12 -19.18
C VAL B 194 -3.56 10.90 -19.40
N LEU B 195 -4.06 9.73 -19.02
CA LEU B 195 -3.34 8.47 -19.19
C LEU B 195 -3.54 7.97 -20.63
N HIS B 196 -2.45 7.75 -21.36
CA HIS B 196 -2.53 7.11 -22.68
C HIS B 196 -1.88 5.77 -22.49
N ARG B 197 -2.70 4.76 -22.33
CA ARG B 197 -2.23 3.44 -21.94
C ARG B 197 -1.28 2.94 -23.01
N LEU B 198 -0.21 2.28 -22.60
CA LEU B 198 0.80 1.94 -23.57
C LEU B 198 0.26 0.89 -24.56
N GLY B 199 0.62 1.06 -25.81
CA GLY B 199 0.19 0.14 -26.85
C GLY B 199 -1.26 0.26 -27.27
N GLU B 200 -2.00 1.22 -26.71
CA GLU B 200 -3.42 1.38 -27.03
C GLU B 200 -3.69 2.66 -27.81
N LYS B 201 -4.77 2.65 -28.59
CA LYS B 201 -5.14 3.81 -29.34
C LYS B 201 -5.48 4.98 -28.42
N ILE B 202 -4.98 6.17 -28.76
CA ILE B 202 -5.38 7.41 -28.07
C ILE B 202 -6.80 7.79 -28.49
N ILE B 203 -7.67 7.96 -27.50
CA ILE B 203 -9.04 8.30 -27.73
C ILE B 203 -9.26 9.78 -27.43
N GLU B 204 -8.72 10.25 -26.30
CA GLU B 204 -8.87 11.66 -25.91
C GLU B 204 -7.54 12.37 -25.70
N LYS B 205 -7.52 13.66 -25.98
CA LYS B 205 -6.33 14.51 -25.81
C LYS B 205 -6.67 15.83 -25.16
N CYS B 206 -5.69 16.40 -24.46
CA CYS B 206 -5.88 17.70 -23.85
C CYS B 206 -6.35 18.65 -24.94
N GLY B 207 -7.22 19.58 -24.57
CA GLY B 207 -7.64 20.64 -25.52
C GLY B 207 -8.67 20.22 -26.56
N ALA B 208 -9.26 19.03 -26.40
CA ALA B 208 -10.20 18.50 -27.36
C ALA B 208 -11.21 17.63 -26.67
N GLY B 209 -12.35 17.38 -27.32
CA GLY B 209 -13.32 16.43 -26.76
C GLY B 209 -13.78 16.74 -25.35
N SER B 210 -13.92 15.70 -24.52
CA SER B 210 -14.39 15.92 -23.17
C SER B 210 -13.42 16.71 -22.33
N LEU B 211 -12.13 16.70 -22.70
CA LEU B 211 -11.16 17.47 -21.93
C LEU B 211 -11.31 18.98 -22.15
N LEU B 212 -11.77 19.35 -23.34
CA LEU B 212 -12.08 20.73 -23.59
C LEU B 212 -13.35 21.11 -22.83
N ASP B 213 -14.31 20.20 -22.73
CA ASP B 213 -15.52 20.49 -21.98
C ASP B 213 -15.11 20.74 -20.53
N LEU B 214 -14.25 19.87 -20.02
CA LEU B 214 -13.76 20.06 -18.64
C LEU B 214 -13.02 21.38 -18.45
N GLU B 215 -12.17 21.74 -19.39
CA GLU B 215 -11.43 23.00 -19.32
C GLU B 215 -12.39 24.19 -19.21
N LYS B 216 -13.43 24.16 -20.03
CA LYS B 216 -14.42 25.24 -20.00
C LYS B 216 -15.05 25.35 -18.63
N LEU B 217 -15.42 24.19 -18.07
CA LEU B 217 -16.09 24.20 -16.76
C LEU B 217 -15.17 24.70 -15.66
N VAL B 218 -13.92 24.27 -15.71
CA VAL B 218 -12.93 24.66 -14.68
C VAL B 218 -12.70 26.17 -14.74
N LYS B 219 -12.54 26.70 -15.94
CA LYS B 219 -12.30 28.15 -16.10
C LYS B 219 -13.51 28.95 -15.66
N ALA B 220 -14.70 28.40 -15.90
CA ALA B 220 -15.94 29.10 -15.49
C ALA B 220 -16.06 29.25 -13.97
N LYS B 221 -15.35 28.39 -13.25
CA LYS B 221 -15.36 28.41 -11.80
C LYS B 221 -14.22 29.31 -11.30
N HIS B 222 -13.55 29.98 -12.23
CA HIS B 222 -12.39 30.85 -11.95
C HIS B 222 -11.18 30.13 -11.36
N PHE B 223 -11.05 28.85 -11.69
CA PHE B 223 -9.83 28.13 -11.39
C PHE B 223 -8.90 28.15 -12.60
N ALA B 224 -7.60 28.14 -12.36
CA ALA B 224 -6.65 27.92 -13.43
C ALA B 224 -6.77 26.47 -13.89
N PHE B 225 -6.24 26.21 -15.08
CA PHE B 225 -6.35 24.89 -15.66
C PHE B 225 -5.07 24.51 -16.39
N ASP B 226 -4.63 23.27 -16.20
CA ASP B 226 -3.66 22.71 -17.09
C ASP B 226 -3.88 21.25 -17.31
N CYS B 227 -3.25 20.71 -18.35
CA CYS B 227 -3.54 19.35 -18.77
C CYS B 227 -2.30 18.81 -19.46
N VAL B 228 -1.93 17.59 -19.08
CA VAL B 228 -0.75 16.94 -19.72
C VAL B 228 -1.10 15.48 -19.97
N GLU B 229 -0.55 14.92 -21.07
CA GLU B 229 -0.76 13.53 -21.42
C GLU B 229 0.52 12.78 -21.08
N ASN B 230 0.37 11.68 -20.33
CA ASN B 230 1.55 10.88 -19.99
C ASN B 230 2.77 11.71 -19.64
N PRO B 231 2.64 12.56 -18.61
CA PRO B 231 3.83 13.25 -18.12
C PRO B 231 4.86 12.21 -17.75
N ARG B 232 6.12 12.59 -17.85
CA ARG B 232 7.17 11.56 -17.76
C ARG B 232 7.13 10.79 -16.46
N ALA B 233 6.83 11.44 -15.32
CA ALA B 233 6.74 10.70 -14.07
C ALA B 233 5.76 9.53 -14.18
N VAL B 234 4.62 9.77 -14.84
CA VAL B 234 3.63 8.72 -14.96
C VAL B 234 4.09 7.72 -16.06
N LEU B 235 4.56 8.23 -17.20
CA LEU B 235 5.03 7.35 -18.27
C LEU B 235 6.04 6.32 -17.74
N PHE B 236 6.98 6.76 -16.91
CA PHE B 236 8.01 5.82 -16.45
C PHE B 236 7.40 4.74 -15.54
N LEU B 237 6.37 5.09 -14.80
CA LEU B 237 5.71 4.04 -14.02
C LEU B 237 5.02 3.03 -14.95
N LEU B 238 4.33 3.52 -15.99
CA LEU B 238 3.75 2.60 -17.00
C LEU B 238 4.80 1.70 -17.59
N CYS B 239 5.95 2.30 -17.92
CA CYS B 239 7.02 1.59 -18.57
C CYS B 239 7.62 0.52 -17.67
N SER B 240 7.65 0.78 -16.37
CA SER B 240 8.22 -0.20 -15.47
C SER B 240 7.45 -1.50 -15.59
N ASP B 241 6.14 -1.41 -15.86
CA ASP B 241 5.31 -2.61 -15.99
C ASP B 241 5.25 -3.20 -17.39
N ASN B 242 5.83 -2.51 -18.37
CA ASN B 242 5.79 -2.90 -19.76
C ASN B 242 7.00 -2.29 -20.43
N PRO B 243 8.19 -2.77 -20.07
CA PRO B 243 9.41 -2.06 -20.43
C PRO B 243 9.79 -2.17 -21.90
N ASN B 244 9.17 -3.10 -22.63
CA ASN B 244 9.42 -3.22 -24.06
C ASN B 244 8.45 -2.43 -24.94
N ALA B 245 7.51 -1.73 -24.32
CA ALA B 245 6.57 -0.94 -25.08
C ALA B 245 7.34 0.09 -25.91
N ARG B 246 6.85 0.38 -27.11
CA ARG B 246 7.49 1.36 -27.99
C ARG B 246 7.63 2.75 -27.35
N GLU B 247 6.65 3.13 -26.54
CA GLU B 247 6.69 4.44 -25.89
C GLU B 247 7.88 4.61 -24.92
N CYS B 248 8.50 3.50 -24.55
CA CYS B 248 9.46 3.49 -23.45
C CYS B 248 10.88 3.49 -24.00
N ARG B 249 11.04 3.67 -25.31
CA ARG B 249 12.37 3.52 -25.88
C ARG B 249 13.26 4.61 -25.29
N LEU B 250 14.45 4.25 -24.82
CA LEU B 250 15.39 5.23 -24.27
C LEU B 250 16.38 5.70 -25.34
N ALA B 251 16.92 6.90 -25.16
CA ALA B 251 17.92 7.45 -26.07
C ALA B 251 19.08 6.48 -26.19
#